data_8XQZ
#
_entry.id   8XQZ
#
_cell.length_a   76.737
_cell.length_b   83.773
_cell.length_c   61.536
_cell.angle_alpha   90.00
_cell.angle_beta   100.77
_cell.angle_gamma   90.00
#
_symmetry.space_group_name_H-M   'C 1 2 1'
#
loop_
_entity.id
_entity.type
_entity.pdbx_description
1 polymer '4-hydroxyphenylpyruvate dioxygenase'
2 non-polymer 'COBALT (II) ION'
3 non-polymer '3-(4-aminophenyl)-2-oxidanylidene-propanoic acid'
4 water water
#
_entity_poly.entity_id   1
_entity_poly.type   'polypeptide(L)'
_entity_poly.pdbx_seq_one_letter_code
;GSHMVRKNPKSDKFKVKRFHHIEFWCGDATNVARRFSWGLGMRFSAKSDLSTGNMVHASYLLTSGDLRFLFTAPYSPSLS
AGEIKPTTTASIPSFDHGSCRSFFSSHGLGVRAVAIEVEDAESAFSISVANGAIPSSPPIVLNEAVTIAEVKLYGDVVLR
YVSYKAEDTEKSEFLPGFERVEDASSFPLDYGIRRLDHAVGNVPELGPALTYVAGFTGFHQFAEFTADDVGTAESGLNSA
VLASNDEMVLLPINEPVHGTKRKSQIQTYLEHNEGAGLQHLALMSEDIFRTLREMRKRSSIGGFDFMPSPPPTYYQNLKK
RVGDVLSDDQIKECEELGILVDRDDQGTLLQIFTKPLGDRPTIFIEIIQRVGCMMKDEEGKAYQSGGCGGFGKGNFSELF
KSIEEYEKTLEAKQLVG
;
_entity_poly.pdbx_strand_id   A
#
loop_
_chem_comp.id
_chem_comp.type
_chem_comp.name
_chem_comp.formula
A1LWQ non-polymer '3-(4-aminophenyl)-2-oxidanylidene-propanoic acid' 'C9 H9 N O3'
CO non-polymer 'COBALT (II) ION' 'Co 2'
#
# COMPACT_ATOMS: atom_id res chain seq x y z
N LYS A 7 9.67 1.89 22.71
CA LYS A 7 10.82 2.77 22.55
C LYS A 7 10.83 3.43 21.17
N ASN A 8 10.54 4.72 21.15
CA ASN A 8 10.51 5.51 19.90
C ASN A 8 11.58 6.58 19.96
N PRO A 9 12.74 6.37 19.34
CA PRO A 9 13.81 7.38 19.39
C PRO A 9 13.51 8.65 18.59
N LYS A 10 12.47 8.66 17.76
CA LYS A 10 12.07 9.82 16.96
C LYS A 10 13.25 10.40 16.18
N SER A 11 13.81 9.57 15.30
CA SER A 11 15.07 9.85 14.64
C SER A 11 14.91 10.20 13.16
N ASP A 12 13.69 10.49 12.68
CA ASP A 12 13.49 10.87 11.29
C ASP A 12 14.47 11.98 10.91
N LYS A 13 15.17 11.76 9.80
CA LYS A 13 16.17 12.72 9.37
C LYS A 13 15.55 13.91 8.65
N PHE A 14 14.23 13.88 8.43
CA PHE A 14 13.51 14.99 7.86
C PHE A 14 12.05 14.85 8.28
N LYS A 15 11.31 15.94 8.15
CA LYS A 15 9.92 15.96 8.61
C LYS A 15 9.05 15.19 7.61
N VAL A 16 8.55 14.05 8.05
CA VAL A 16 7.59 13.23 7.31
C VAL A 16 6.21 13.54 7.87
N LYS A 17 5.22 13.67 6.99
CA LYS A 17 3.86 13.88 7.46
C LYS A 17 3.08 12.57 7.40
N ARG A 18 2.42 12.30 6.30
CA ARG A 18 1.70 11.07 6.18
C ARG A 18 1.78 10.47 4.77
N PHE A 19 1.46 9.20 4.68
CA PHE A 19 1.28 8.58 3.36
C PHE A 19 0.49 9.52 2.47
N HIS A 20 0.93 9.68 1.23
CA HIS A 20 0.26 10.61 0.33
C HIS A 20 -0.49 9.90 -0.78
N HIS A 21 0.16 8.96 -1.44
CA HIS A 21 -0.52 8.17 -2.48
C HIS A 21 0.31 6.94 -2.78
N ILE A 22 -0.32 5.99 -3.45
CA ILE A 22 0.36 4.81 -3.93
C ILE A 22 0.18 4.82 -5.44
N GLU A 23 1.26 4.63 -6.21
CA GLU A 23 1.16 4.61 -7.66
C GLU A 23 1.42 3.20 -8.18
N PHE A 24 0.44 2.67 -8.94
CA PHE A 24 0.57 1.43 -9.67
C PHE A 24 1.06 1.71 -11.06
N TRP A 25 2.00 0.90 -11.53
CA TRP A 25 2.40 0.96 -12.91
C TRP A 25 1.69 -0.16 -13.63
N CYS A 26 1.01 0.19 -14.70
CA CYS A 26 0.00 -0.64 -15.34
C CYS A 26 0.38 -0.78 -16.80
N GLY A 27 -0.22 -1.75 -17.46
CA GLY A 27 -0.13 -1.71 -18.89
C GLY A 27 -1.27 -0.91 -19.50
N ASP A 28 -2.44 -0.99 -18.87
CA ASP A 28 -3.61 -0.18 -19.21
C ASP A 28 -4.15 0.40 -17.91
N ALA A 29 -3.99 1.70 -17.72
CA ALA A 29 -4.43 2.31 -16.47
C ALA A 29 -5.94 2.33 -16.35
N THR A 30 -6.65 2.48 -17.49
CA THR A 30 -8.10 2.61 -17.49
C THR A 30 -8.76 1.39 -16.87
N ASN A 31 -8.38 0.20 -17.34
CA ASN A 31 -9.06 -1.01 -16.90
C ASN A 31 -8.73 -1.35 -15.46
N VAL A 32 -7.48 -1.16 -15.06
CA VAL A 32 -7.12 -1.40 -13.68
C VAL A 32 -7.83 -0.40 -12.76
N ALA A 33 -7.84 0.89 -13.15
CA ALA A 33 -8.47 1.88 -12.28
C ALA A 33 -9.97 1.63 -12.16
N ARG A 34 -10.60 1.16 -13.23
CA ARG A 34 -12.03 0.96 -13.13
C ARG A 34 -12.36 -0.25 -12.27
N ARG A 35 -11.57 -1.33 -12.42
CA ARG A 35 -11.77 -2.49 -11.59
C ARG A 35 -11.58 -2.14 -10.12
N PHE A 36 -10.50 -1.43 -9.83
CA PHE A 36 -10.25 -1.04 -8.44
C PHE A 36 -11.34 -0.13 -7.90
N SER A 37 -11.80 0.82 -8.70
CA SER A 37 -12.82 1.74 -8.22
C SER A 37 -14.05 0.98 -7.76
N TRP A 38 -14.52 0.05 -8.59
CA TRP A 38 -15.69 -0.73 -8.26
C TRP A 38 -15.41 -1.72 -7.14
N GLY A 39 -14.21 -2.30 -7.14
CA GLY A 39 -13.90 -3.34 -6.18
C GLY A 39 -13.69 -2.80 -4.77
N LEU A 40 -13.12 -1.60 -4.68
CA LEU A 40 -12.72 -1.02 -3.40
C LEU A 40 -13.60 0.13 -2.96
N GLY A 41 -14.46 0.62 -3.84
CA GLY A 41 -15.35 1.72 -3.53
C GLY A 41 -14.60 3.03 -3.47
N MET A 42 -13.81 3.29 -4.49
CA MET A 42 -13.02 4.49 -4.57
C MET A 42 -13.48 5.31 -5.75
N ARG A 43 -13.54 6.59 -5.53
CA ARG A 43 -14.04 7.54 -6.51
C ARG A 43 -12.93 7.96 -7.46
N PHE A 44 -13.27 8.08 -8.74
CA PHE A 44 -12.37 8.72 -9.68
C PHE A 44 -12.26 10.20 -9.31
N SER A 45 -11.05 10.65 -8.97
CA SER A 45 -10.82 11.98 -8.42
C SER A 45 -10.10 12.91 -9.38
N ALA A 46 -9.05 12.44 -10.05
CA ALA A 46 -8.31 13.30 -10.95
C ALA A 46 -7.72 12.45 -12.06
N LYS A 47 -7.39 13.11 -13.15
CA LYS A 47 -6.76 12.42 -14.26
C LYS A 47 -5.66 13.30 -14.85
N SER A 48 -4.68 12.63 -15.44
CA SER A 48 -3.70 13.27 -16.31
C SER A 48 -3.52 12.30 -17.48
N ASP A 49 -3.94 12.71 -18.66
CA ASP A 49 -3.93 11.82 -19.82
C ASP A 49 -3.99 12.67 -21.08
N LEU A 50 -4.31 12.05 -22.22
CA LEU A 50 -4.39 12.80 -23.47
C LEU A 50 -5.35 13.98 -23.34
N SER A 51 -6.51 13.77 -22.72
CA SER A 51 -7.51 14.82 -22.63
C SER A 51 -7.02 16.01 -21.81
N THR A 52 -5.98 15.84 -21.01
CA THR A 52 -5.40 16.93 -20.25
C THR A 52 -4.08 17.42 -20.83
N GLY A 53 -3.72 16.98 -22.03
CA GLY A 53 -2.49 17.39 -22.67
C GLY A 53 -1.27 16.53 -22.38
N ASN A 54 -1.42 15.49 -21.57
CA ASN A 54 -0.32 14.59 -21.26
C ASN A 54 -0.17 13.58 -22.40
N MET A 55 0.86 13.77 -23.23
CA MET A 55 1.13 12.87 -24.34
C MET A 55 2.03 11.72 -23.95
N VAL A 56 2.39 11.61 -22.68
CA VAL A 56 3.40 10.67 -22.22
C VAL A 56 2.77 9.48 -21.48
N HIS A 57 1.93 9.76 -20.52
CA HIS A 57 1.34 8.70 -19.73
C HIS A 57 -0.11 9.03 -19.40
N ALA A 58 -0.92 7.97 -19.26
CA ALA A 58 -2.25 8.09 -18.73
C ALA A 58 -2.20 7.78 -17.24
N SER A 59 -2.71 8.70 -16.42
CA SER A 59 -2.66 8.53 -14.98
C SER A 59 -4.02 8.83 -14.37
N TYR A 60 -4.55 7.89 -13.61
CA TYR A 60 -5.88 8.04 -13.03
C TYR A 60 -5.82 7.87 -11.52
N LEU A 61 -6.43 8.81 -10.82
CA LEU A 61 -6.39 8.87 -9.37
C LEU A 61 -7.74 8.47 -8.81
N LEU A 62 -7.75 7.43 -7.98
CA LEU A 62 -8.89 7.03 -7.19
C LEU A 62 -8.68 7.51 -5.76
N THR A 63 -9.77 7.92 -5.11
CA THR A 63 -9.63 8.31 -3.71
C THR A 63 -10.75 7.70 -2.89
N SER A 64 -10.41 7.37 -1.65
CA SER A 64 -11.39 6.96 -0.65
C SER A 64 -10.89 7.53 0.67
N GLY A 65 -11.60 8.52 1.19
CA GLY A 65 -11.08 9.22 2.36
C GLY A 65 -9.78 9.88 2.00
N ASP A 66 -8.73 9.57 2.76
CA ASP A 66 -7.38 10.07 2.51
C ASP A 66 -6.58 9.08 1.69
N LEU A 67 -7.16 7.95 1.31
CA LEU A 67 -6.44 7.00 0.48
C LEU A 67 -6.40 7.51 -0.94
N ARG A 68 -5.20 7.50 -1.54
CA ARG A 68 -5.04 7.93 -2.92
C ARG A 68 -4.34 6.82 -3.68
N PHE A 69 -5.06 6.19 -4.59
CA PHE A 69 -4.48 5.20 -5.50
C PHE A 69 -4.34 5.82 -6.88
N LEU A 70 -3.11 5.82 -7.40
CA LEU A 70 -2.78 6.35 -8.73
C LEU A 70 -2.43 5.19 -9.66
N PHE A 71 -3.06 5.16 -10.85
CA PHE A 71 -2.81 4.16 -11.90
C PHE A 71 -2.23 4.86 -13.10
N THR A 72 -1.05 4.40 -13.54
CA THR A 72 -0.34 5.04 -14.62
C THR A 72 0.09 4.00 -15.63
N ALA A 73 -0.04 4.34 -16.90
CA ALA A 73 0.42 3.49 -18.00
C ALA A 73 1.05 4.37 -19.05
N PRO A 74 1.99 3.85 -19.83
CA PRO A 74 2.61 4.64 -20.90
C PRO A 74 1.77 4.64 -22.16
N TYR A 75 1.74 5.78 -22.84
CA TYR A 75 1.30 5.82 -24.22
C TYR A 75 2.42 5.33 -25.11
N SER A 76 2.15 5.24 -26.40
CA SER A 76 3.22 5.03 -27.35
C SER A 76 4.26 6.14 -27.22
N PRO A 77 5.54 5.81 -27.10
CA PRO A 77 6.56 6.87 -27.08
C PRO A 77 6.48 7.80 -28.28
N SER A 78 5.93 7.31 -29.41
CA SER A 78 5.82 8.14 -30.61
C SER A 78 5.02 9.41 -30.38
N LEU A 79 4.05 9.39 -29.46
CA LEU A 79 3.24 10.58 -29.20
C LEU A 79 4.07 11.72 -28.63
N SER A 80 5.20 11.42 -28.00
CA SER A 80 6.01 12.42 -27.33
C SER A 80 7.44 12.38 -27.83
N ALA A 81 7.65 11.83 -29.02
CA ALA A 81 8.98 11.66 -29.58
C ALA A 81 9.70 13.00 -29.74
N GLY A 82 8.94 14.08 -29.94
CA GLY A 82 9.55 15.37 -30.12
C GLY A 82 9.98 16.03 -28.83
N GLU A 83 9.42 15.58 -27.71
CA GLU A 83 9.66 16.23 -26.43
C GLU A 83 11.04 15.90 -25.88
N ILE A 84 11.52 16.78 -25.01
CA ILE A 84 12.65 16.51 -24.14
C ILE A 84 12.17 16.81 -22.73
N LYS A 85 12.96 16.39 -21.74
CA LYS A 85 12.54 16.63 -20.36
C LYS A 85 12.16 18.08 -20.09
N PRO A 86 12.90 19.09 -20.56
CA PRO A 86 12.43 20.48 -20.38
C PRO A 86 11.07 20.78 -20.97
N THR A 87 10.69 20.13 -22.08
CA THR A 87 9.43 20.40 -22.77
C THR A 87 8.40 19.29 -22.56
N THR A 88 8.56 18.46 -21.54
CA THR A 88 7.71 17.28 -21.40
C THR A 88 6.27 17.67 -21.06
N THR A 89 5.32 16.91 -21.59
CA THR A 89 3.93 17.05 -21.19
C THR A 89 3.56 16.06 -20.10
N ALA A 90 4.48 15.22 -19.66
CA ALA A 90 4.21 14.34 -18.54
C ALA A 90 3.91 15.18 -17.30
N SER A 91 2.88 14.78 -16.57
CA SER A 91 2.59 15.44 -15.31
C SER A 91 3.43 14.88 -14.18
N ILE A 92 3.92 13.66 -14.33
CA ILE A 92 4.84 13.09 -13.36
C ILE A 92 6.21 13.04 -14.02
N PRO A 93 7.09 14.01 -13.77
CA PRO A 93 8.34 14.09 -14.54
C PRO A 93 9.27 12.91 -14.32
N SER A 94 9.10 12.17 -13.23
CA SER A 94 9.91 10.98 -13.04
C SER A 94 9.56 9.88 -14.03
N PHE A 95 8.38 9.95 -14.65
CA PHE A 95 7.94 8.86 -15.50
C PHE A 95 8.89 8.66 -16.67
N ASP A 96 9.16 7.40 -16.97
CA ASP A 96 9.99 7.01 -18.10
C ASP A 96 9.31 5.84 -18.81
N HIS A 97 9.07 5.98 -20.13
CA HIS A 97 8.45 4.90 -20.88
C HIS A 97 9.20 3.59 -20.68
N GLY A 98 10.52 3.63 -20.89
CA GLY A 98 11.32 2.42 -20.79
C GLY A 98 11.26 1.80 -19.41
N SER A 99 11.39 2.63 -18.37
CA SER A 99 11.28 2.10 -17.01
C SER A 99 9.91 1.50 -16.76
N CYS A 100 8.85 2.17 -17.21
CA CYS A 100 7.51 1.67 -16.94
C CYS A 100 7.27 0.35 -17.67
N ARG A 101 7.63 0.29 -18.95
CA ARG A 101 7.43 -0.96 -19.68
C ARG A 101 8.27 -2.07 -19.09
N SER A 102 9.52 -1.77 -18.73
CA SER A 102 10.39 -2.76 -18.11
C SER A 102 9.82 -3.23 -16.79
N PHE A 103 9.32 -2.30 -15.97
CA PHE A 103 8.73 -2.67 -14.70
C PHE A 103 7.55 -3.63 -14.92
N PHE A 104 6.67 -3.28 -15.84
CA PHE A 104 5.43 -4.06 -15.95
C PHE A 104 5.69 -5.40 -16.62
N SER A 105 6.58 -5.45 -17.61
CA SER A 105 6.92 -6.74 -18.19
C SER A 105 7.66 -7.60 -17.18
N SER A 106 8.47 -6.99 -16.32
CA SER A 106 9.19 -7.75 -15.31
C SER A 106 8.26 -8.19 -14.16
N HIS A 107 7.50 -7.26 -13.62
CA HIS A 107 6.73 -7.52 -12.40
C HIS A 107 5.26 -7.76 -12.65
N GLY A 108 4.75 -7.40 -13.81
CA GLY A 108 3.33 -7.38 -13.94
C GLY A 108 2.80 -6.21 -13.11
N LEU A 109 1.49 -6.23 -12.91
CA LEU A 109 0.79 -5.16 -12.18
C LEU A 109 1.34 -5.04 -10.77
N GLY A 110 1.79 -3.84 -10.41
CA GLY A 110 2.38 -3.66 -9.10
C GLY A 110 2.55 -2.21 -8.74
N VAL A 111 2.98 -1.99 -7.50
CA VAL A 111 3.19 -0.65 -6.96
C VAL A 111 4.57 -0.18 -7.41
N ARG A 112 4.61 0.94 -8.10
CA ARG A 112 5.88 1.57 -8.47
C ARG A 112 6.35 2.48 -7.36
N ALA A 113 5.45 3.29 -6.79
CA ALA A 113 5.86 4.31 -5.85
C ALA A 113 5.00 4.25 -4.59
N VAL A 114 5.67 4.28 -3.43
CA VAL A 114 5.05 4.57 -2.15
C VAL A 114 5.38 6.02 -1.86
N ALA A 115 4.37 6.88 -1.89
CA ALA A 115 4.58 8.32 -1.79
C ALA A 115 4.19 8.79 -0.41
N ILE A 116 5.06 9.58 0.18
CA ILE A 116 4.83 10.16 1.50
C ILE A 116 4.95 11.68 1.40
N GLU A 117 4.09 12.39 2.12
CA GLU A 117 4.19 13.83 2.12
C GLU A 117 5.23 14.23 3.16
N VAL A 118 6.08 15.17 2.79
CA VAL A 118 7.17 15.65 3.63
C VAL A 118 7.09 17.17 3.66
N GLU A 119 7.83 17.78 4.60
CA GLU A 119 7.81 19.24 4.67
C GLU A 119 8.49 19.83 3.44
N ASP A 120 9.59 19.23 2.99
CA ASP A 120 10.39 19.80 1.92
C ASP A 120 11.00 18.63 1.15
N ALA A 121 10.45 18.33 -0.02
CA ALA A 121 10.87 17.17 -0.79
C ALA A 121 12.32 17.28 -1.23
N GLU A 122 12.80 18.51 -1.53
CA GLU A 122 14.20 18.69 -1.91
C GLU A 122 15.12 18.32 -0.76
N SER A 123 14.84 18.83 0.43
CA SER A 123 15.65 18.49 1.58
C SER A 123 15.57 17.00 1.90
N ALA A 124 14.36 16.41 1.83
CA ALA A 124 14.24 14.98 2.07
C ALA A 124 15.10 14.18 1.12
N PHE A 125 15.11 14.54 -0.17
CA PHE A 125 15.94 13.85 -1.14
C PHE A 125 17.41 14.03 -0.82
N SER A 126 17.82 15.29 -0.67
CA SER A 126 19.20 15.63 -0.33
C SER A 126 19.68 14.81 0.88
N ILE A 127 18.95 14.94 2.00
CA ILE A 127 19.33 14.23 3.22
C ILE A 127 19.32 12.73 3.01
N SER A 128 18.30 12.19 2.34
CA SER A 128 18.27 10.74 2.13
C SER A 128 19.47 10.28 1.33
N VAL A 129 19.78 10.99 0.23
CA VAL A 129 20.89 10.57 -0.62
C VAL A 129 22.20 10.74 0.13
N ALA A 130 22.30 11.81 0.94
CA ALA A 130 23.49 11.98 1.76
C ALA A 130 23.65 10.86 2.77
N ASN A 131 22.57 10.14 3.05
CA ASN A 131 22.56 9.08 4.05
C ASN A 131 22.38 7.69 3.44
N GLY A 132 22.72 7.53 2.17
CA GLY A 132 22.81 6.22 1.56
C GLY A 132 21.69 5.90 0.59
N ALA A 133 20.67 6.74 0.48
CA ALA A 133 19.58 6.46 -0.46
C ALA A 133 20.08 6.50 -1.89
N ILE A 134 19.65 5.54 -2.69
CA ILE A 134 20.01 5.47 -4.10
C ILE A 134 19.03 6.35 -4.86
N PRO A 135 19.48 7.42 -5.49
CA PRO A 135 18.54 8.35 -6.10
C PRO A 135 17.85 7.71 -7.29
N SER A 136 16.59 8.03 -7.44
CA SER A 136 15.81 7.52 -8.55
C SER A 136 15.38 8.65 -9.47
N SER A 137 14.83 9.70 -8.91
CA SER A 137 14.49 10.90 -9.68
C SER A 137 14.79 12.11 -8.81
N PRO A 138 15.62 13.03 -9.30
CA PRO A 138 16.01 14.18 -8.47
C PRO A 138 14.80 15.06 -8.21
N PRO A 139 14.88 15.94 -7.21
CA PRO A 139 13.72 16.79 -6.92
C PRO A 139 13.42 17.66 -8.12
N ILE A 140 12.13 17.83 -8.40
CA ILE A 140 11.69 18.77 -9.42
C ILE A 140 10.49 19.52 -8.85
N VAL A 141 10.41 20.81 -9.16
CA VAL A 141 9.33 21.66 -8.70
C VAL A 141 8.29 21.75 -9.81
N LEU A 142 7.03 21.48 -9.46
CA LEU A 142 5.93 21.47 -10.41
C LEU A 142 5.11 22.73 -10.24
N ASN A 143 5.09 23.57 -11.28
CA ASN A 143 4.33 24.83 -11.32
C ASN A 143 4.55 25.66 -10.05
N GLU A 144 5.79 25.67 -9.57
CA GLU A 144 6.19 26.46 -8.39
C GLU A 144 5.31 26.15 -7.18
N ALA A 145 4.75 24.96 -7.12
CA ALA A 145 3.75 24.65 -6.11
C ALA A 145 4.04 23.36 -5.37
N VAL A 146 4.49 22.32 -6.07
CA VAL A 146 4.70 21.01 -5.48
C VAL A 146 6.08 20.52 -5.91
N THR A 147 6.80 19.91 -4.99
CA THR A 147 8.10 19.35 -5.29
C THR A 147 8.02 17.85 -5.08
N ILE A 148 8.63 17.11 -5.99
CA ILE A 148 8.56 15.66 -5.98
C ILE A 148 9.95 15.12 -6.26
N ALA A 149 10.32 14.09 -5.53
CA ALA A 149 11.62 13.46 -5.67
C ALA A 149 11.45 12.00 -5.27
N GLU A 150 12.33 11.15 -5.79
CA GLU A 150 12.19 9.73 -5.59
C GLU A 150 13.54 9.09 -5.29
N VAL A 151 13.54 8.16 -4.35
CA VAL A 151 14.71 7.33 -4.13
C VAL A 151 14.28 5.87 -4.12
N LYS A 152 15.23 4.99 -4.42
CA LYS A 152 14.92 3.57 -4.40
C LYS A 152 14.56 3.11 -3.01
N LEU A 153 13.50 2.29 -2.93
CA LEU A 153 13.06 1.70 -1.67
C LEU A 153 13.50 0.24 -1.56
N TYR A 154 13.05 -0.60 -2.49
CA TYR A 154 13.50 -1.98 -2.63
C TYR A 154 13.00 -2.45 -3.99
N GLY A 155 13.70 -3.41 -4.56
CA GLY A 155 13.40 -3.83 -5.92
C GLY A 155 13.30 -2.64 -6.84
N ASP A 156 12.23 -2.58 -7.61
CA ASP A 156 11.96 -1.45 -8.49
C ASP A 156 10.91 -0.51 -7.90
N VAL A 157 10.74 -0.54 -6.59
CA VAL A 157 9.79 0.31 -5.91
C VAL A 157 10.54 1.52 -5.37
N VAL A 158 10.00 2.71 -5.60
CA VAL A 158 10.65 3.93 -5.14
C VAL A 158 9.85 4.49 -3.98
N LEU A 159 10.56 5.12 -3.04
CA LEU A 159 9.90 5.98 -2.07
C LEU A 159 9.82 7.38 -2.67
N ARG A 160 8.63 7.92 -2.76
CA ARG A 160 8.41 9.20 -3.42
C ARG A 160 8.14 10.27 -2.37
N TYR A 161 8.94 11.33 -2.39
CA TYR A 161 8.69 12.46 -1.52
C TYR A 161 7.88 13.51 -2.27
N VAL A 162 6.82 13.99 -1.64
CA VAL A 162 6.01 15.07 -2.16
C VAL A 162 5.94 16.13 -1.07
N SER A 163 6.06 17.40 -1.47
CA SER A 163 5.89 18.51 -0.55
C SER A 163 5.17 19.64 -1.28
N TYR A 164 4.31 20.35 -0.54
CA TYR A 164 3.55 21.48 -1.04
C TYR A 164 4.00 22.74 -0.32
N LYS A 165 4.31 23.79 -1.08
CA LYS A 165 4.50 25.09 -0.45
C LYS A 165 3.21 25.54 0.24
N ALA A 166 2.07 25.28 -0.38
CA ALA A 166 0.78 25.66 0.18
C ALA A 166 0.14 24.49 0.94
N GLU A 173 -5.75 19.50 -7.62
CA GLU A 173 -4.92 19.80 -6.45
C GLU A 173 -4.01 18.61 -6.08
N PHE A 174 -4.26 17.43 -6.66
CA PHE A 174 -3.37 16.31 -6.43
C PHE A 174 -1.96 16.70 -6.85
N LEU A 175 -1.74 16.85 -8.15
CA LEU A 175 -0.49 17.36 -8.69
C LEU A 175 -0.82 18.33 -9.81
N PRO A 176 0.05 19.32 -10.06
CA PRO A 176 -0.14 20.19 -11.22
C PRO A 176 -0.29 19.40 -12.52
N GLY A 177 -1.16 19.87 -13.41
CA GLY A 177 -1.42 19.16 -14.63
C GLY A 177 -2.42 18.04 -14.52
N PHE A 178 -2.79 17.64 -13.30
CA PHE A 178 -3.94 16.78 -13.11
C PHE A 178 -5.19 17.64 -13.09
N GLU A 179 -6.26 17.12 -13.64
CA GLU A 179 -7.54 17.81 -13.63
C GLU A 179 -8.54 17.01 -12.82
N ARG A 180 -9.43 17.73 -12.14
CA ARG A 180 -10.53 17.09 -11.42
C ARG A 180 -11.50 16.49 -12.43
N VAL A 181 -11.88 15.24 -12.21
CA VAL A 181 -12.71 14.58 -13.22
C VAL A 181 -14.16 15.02 -13.07
N GLU A 182 -14.85 15.05 -14.21
CA GLU A 182 -16.23 15.54 -14.25
C GLU A 182 -17.12 14.72 -13.34
N ASP A 183 -18.09 15.40 -12.70
CA ASP A 183 -18.98 14.72 -11.76
C ASP A 183 -19.79 13.62 -12.44
N ALA A 184 -20.02 13.73 -13.75
CA ALA A 184 -20.75 12.68 -14.46
C ALA A 184 -19.92 11.41 -14.60
N SER A 185 -18.59 11.54 -14.60
CA SER A 185 -17.71 10.38 -14.65
C SER A 185 -17.22 9.95 -13.28
N SER A 186 -17.60 10.66 -12.22
CA SER A 186 -17.16 10.38 -10.86
C SER A 186 -18.37 10.04 -10.00
N PHE A 187 -18.68 8.75 -9.91
CA PHE A 187 -19.74 8.23 -9.05
C PHE A 187 -19.25 8.11 -7.61
N PRO A 188 -20.02 8.64 -6.60
CA PRO A 188 -19.45 8.74 -5.24
C PRO A 188 -19.47 7.42 -4.50
N LEU A 189 -18.78 6.41 -5.04
CA LEU A 189 -18.61 5.16 -4.33
C LEU A 189 -17.86 5.40 -3.02
N ASP A 190 -18.26 4.67 -2.00
CA ASP A 190 -17.54 4.70 -0.72
C ASP A 190 -17.96 3.49 0.08
N TYR A 191 -17.07 2.53 0.27
CA TYR A 191 -17.36 1.38 1.10
C TYR A 191 -16.76 1.55 2.48
N GLY A 192 -16.26 2.73 2.80
CA GLY A 192 -15.73 2.99 4.12
C GLY A 192 -14.23 3.07 4.24
N ILE A 193 -13.46 2.80 3.19
CA ILE A 193 -12.00 2.88 3.32
C ILE A 193 -11.57 4.33 3.44
N ARG A 194 -10.55 4.58 4.28
CA ARG A 194 -10.28 5.95 4.67
C ARG A 194 -8.81 6.36 4.51
N ARG A 195 -7.87 5.44 4.74
CA ARG A 195 -6.48 5.85 4.59
C ARG A 195 -5.59 4.62 4.45
N LEU A 196 -4.38 4.86 3.97
CA LEU A 196 -3.37 3.80 3.91
C LEU A 196 -2.74 3.64 5.29
N ASP A 197 -2.82 2.43 5.84
CA ASP A 197 -2.23 2.22 7.15
C ASP A 197 -0.77 1.81 7.07
N HIS A 198 -0.43 0.88 6.18
CA HIS A 198 0.96 0.52 5.98
C HIS A 198 1.11 -0.12 4.60
N ALA A 199 2.33 -0.05 4.09
CA ALA A 199 2.71 -0.62 2.81
C ALA A 199 3.90 -1.56 3.03
N VAL A 200 3.80 -2.78 2.51
CA VAL A 200 4.67 -3.88 2.90
C VAL A 200 5.51 -4.33 1.72
N GLY A 201 6.83 -4.39 1.91
CA GLY A 201 7.74 -4.91 0.90
C GLY A 201 8.20 -6.32 1.20
N ASN A 202 8.45 -7.08 0.14
CA ASN A 202 9.09 -8.38 0.24
C ASN A 202 10.48 -8.26 -0.39
N VAL A 203 11.51 -8.72 0.33
CA VAL A 203 12.88 -8.64 -0.17
C VAL A 203 13.53 -10.01 0.00
N PRO A 204 14.61 -10.29 -0.75
CA PRO A 204 15.35 -11.54 -0.51
C PRO A 204 16.10 -11.54 0.83
N GLU A 205 16.59 -10.39 1.28
CA GLU A 205 17.34 -10.29 2.54
C GLU A 205 16.83 -9.11 3.37
N LEU A 206 16.26 -9.42 4.53
CA LEU A 206 15.66 -8.38 5.37
C LEU A 206 16.71 -7.44 5.96
N GLY A 207 17.83 -7.98 6.46
CA GLY A 207 18.85 -7.18 7.11
C GLY A 207 19.35 -6.02 6.28
N PRO A 208 19.89 -6.29 5.09
CA PRO A 208 20.36 -5.20 4.22
C PRO A 208 19.26 -4.23 3.82
N ALA A 209 18.04 -4.72 3.59
CA ALA A 209 16.95 -3.82 3.23
C ALA A 209 16.62 -2.88 4.38
N LEU A 210 16.49 -3.41 5.59
CA LEU A 210 16.24 -2.56 6.75
C LEU A 210 17.35 -1.54 6.95
N THR A 211 18.58 -2.02 6.92
CA THR A 211 19.74 -1.13 7.12
C THR A 211 19.75 -0.01 6.11
N TYR A 212 19.45 -0.33 4.84
CA TYR A 212 19.41 0.69 3.81
C TYR A 212 18.32 1.71 4.08
N VAL A 213 17.06 1.24 4.29
CA VAL A 213 15.94 2.17 4.40
C VAL A 213 16.01 2.96 5.71
N ALA A 214 16.20 2.26 6.83
CA ALA A 214 16.35 2.99 8.09
C ALA A 214 17.55 3.92 8.05
N GLY A 215 18.55 3.54 7.25
CA GLY A 215 19.73 4.38 7.08
C GLY A 215 19.42 5.75 6.53
N PHE A 216 18.62 5.83 5.46
CA PHE A 216 18.45 7.13 4.81
C PHE A 216 17.22 7.89 5.32
N THR A 217 16.27 7.23 5.96
CA THR A 217 15.11 7.92 6.51
C THR A 217 15.26 8.30 7.97
N GLY A 218 16.00 7.50 8.74
CA GLY A 218 15.93 7.62 10.18
C GLY A 218 14.67 7.03 10.77
N PHE A 219 13.86 6.31 9.97
CA PHE A 219 12.73 5.60 10.53
C PHE A 219 13.24 4.55 11.50
N HIS A 220 12.44 4.29 12.54
CA HIS A 220 12.84 3.40 13.61
C HIS A 220 12.06 2.10 13.53
N GLN A 221 12.63 1.04 14.10
CA GLN A 221 11.93 -0.22 14.18
C GLN A 221 10.73 -0.12 15.12
N PHE A 222 9.57 -0.54 14.65
CA PHE A 222 8.32 -0.43 15.40
C PHE A 222 8.13 -1.67 16.25
N ALA A 223 8.09 -1.47 17.57
CA ALA A 223 7.86 -2.57 18.51
C ALA A 223 6.38 -2.90 18.62
N GLU A 234 6.14 -22.37 12.04
CA GLU A 234 6.80 -22.23 10.75
C GLU A 234 6.16 -21.11 9.94
N SER A 235 6.46 -19.86 10.33
CA SER A 235 5.86 -18.71 9.68
C SER A 235 6.23 -18.63 8.21
N GLY A 236 7.41 -19.09 7.84
CA GLY A 236 7.91 -18.96 6.49
C GLY A 236 8.55 -17.62 6.17
N LEU A 237 8.59 -16.70 7.13
CA LEU A 237 9.13 -15.37 6.89
C LEU A 237 9.71 -14.81 8.18
N ASN A 238 10.51 -13.76 8.02
CA ASN A 238 10.86 -12.85 9.10
C ASN A 238 10.48 -11.45 8.65
N SER A 239 10.18 -10.60 9.61
CA SER A 239 9.74 -9.25 9.31
C SER A 239 10.21 -8.24 10.30
N ALA A 240 10.03 -6.99 9.94
CA ALA A 240 10.30 -5.84 10.80
C ALA A 240 9.61 -4.64 10.18
N VAL A 241 9.21 -3.70 11.03
CA VAL A 241 8.42 -2.56 10.61
C VAL A 241 9.22 -1.30 10.89
N LEU A 242 9.43 -0.50 9.85
CA LEU A 242 10.04 0.81 9.99
C LEU A 242 8.93 1.85 10.12
N ALA A 243 9.09 2.79 11.04
CA ALA A 243 8.09 3.80 11.33
C ALA A 243 8.71 5.19 11.40
N SER A 244 7.94 6.18 10.93
CA SER A 244 8.30 7.58 11.11
C SER A 244 8.10 7.98 12.57
N ASN A 245 8.33 9.26 12.85
CA ASN A 245 8.39 9.77 14.21
C ASN A 245 7.08 9.55 14.97
N ASP A 246 5.96 9.93 14.36
CA ASP A 246 4.66 9.68 14.97
C ASP A 246 4.08 8.32 14.57
N GLU A 247 4.85 7.54 13.80
CA GLU A 247 4.50 6.17 13.47
C GLU A 247 3.22 6.09 12.66
N MET A 248 2.95 7.14 11.87
CA MET A 248 1.86 7.12 10.91
C MET A 248 2.30 6.66 9.53
N VAL A 249 3.59 6.71 9.24
CA VAL A 249 4.13 6.07 8.03
C VAL A 249 4.80 4.78 8.50
N LEU A 250 4.19 3.65 8.16
CA LEU A 250 4.66 2.33 8.58
C LEU A 250 5.03 1.53 7.34
N LEU A 251 6.26 1.03 7.32
CA LEU A 251 6.80 0.30 6.17
C LEU A 251 7.34 -1.04 6.61
N PRO A 252 6.49 -2.04 6.77
CA PRO A 252 7.00 -3.39 7.08
C PRO A 252 7.76 -3.98 5.91
N ILE A 253 8.73 -4.85 6.24
CA ILE A 253 9.53 -5.55 5.24
C ILE A 253 9.62 -7.01 5.63
N ASN A 254 9.37 -7.99 4.42
CA ASN A 254 9.47 -9.38 4.68
C ASN A 254 10.58 -9.99 3.85
N GLU A 255 11.20 -11.00 4.55
CA GLU A 255 12.12 -11.86 3.83
C GLU A 255 11.67 -13.30 4.00
N PRO A 256 12.02 -14.19 3.07
CA PRO A 256 11.60 -15.59 3.21
C PRO A 256 12.44 -16.33 4.24
N VAL A 257 11.88 -17.45 4.70
CA VAL A 257 12.61 -18.43 5.50
C VAL A 257 12.59 -19.75 4.73
N HIS A 258 13.78 -20.22 4.35
CA HIS A 258 13.91 -21.40 3.50
C HIS A 258 14.05 -22.67 4.33
N GLY A 259 13.44 -23.75 3.85
CA GLY A 259 13.45 -25.03 4.53
C GLY A 259 12.10 -25.48 5.05
N THR A 260 11.13 -24.59 5.12
CA THR A 260 9.80 -24.93 5.62
C THR A 260 9.18 -26.02 4.77
N LYS A 261 8.35 -26.86 5.41
CA LYS A 261 7.58 -27.87 4.70
C LYS A 261 6.76 -27.23 3.58
N ARG A 262 5.91 -26.28 3.93
CA ARG A 262 5.23 -25.45 2.94
C ARG A 262 6.15 -24.31 2.50
N LYS A 263 6.34 -24.19 1.19
CA LYS A 263 7.25 -23.19 0.66
C LYS A 263 6.83 -21.79 1.08
N SER A 264 7.81 -20.95 1.36
CA SER A 264 7.53 -19.61 1.86
C SER A 264 6.74 -18.80 0.83
N GLN A 265 5.68 -18.14 1.31
CA GLN A 265 4.91 -17.26 0.44
C GLN A 265 5.72 -16.05 0.00
N ILE A 266 6.74 -15.66 0.76
CA ILE A 266 7.62 -14.59 0.33
C ILE A 266 8.47 -15.03 -0.83
N GLN A 267 8.93 -16.29 -0.80
CA GLN A 267 9.75 -16.80 -1.89
C GLN A 267 8.93 -16.93 -3.16
N THR A 268 7.69 -17.42 -3.04
CA THR A 268 6.80 -17.47 -4.19
C THR A 268 6.60 -16.07 -4.76
N TYR A 269 6.35 -15.10 -3.90
CA TYR A 269 6.27 -13.71 -4.35
C TYR A 269 7.51 -13.33 -5.14
N LEU A 270 8.70 -13.54 -4.56
CA LEU A 270 9.93 -13.11 -5.20
C LEU A 270 10.10 -13.78 -6.56
N GLU A 271 9.74 -15.06 -6.65
CA GLU A 271 9.82 -15.78 -7.92
C GLU A 271 8.85 -15.21 -8.94
N HIS A 272 7.58 -15.06 -8.56
CA HIS A 272 6.58 -14.62 -9.53
C HIS A 272 6.69 -13.14 -9.85
N ASN A 273 7.23 -12.34 -8.93
CA ASN A 273 7.42 -10.91 -9.14
C ASN A 273 8.75 -10.58 -9.80
N GLU A 274 9.60 -11.58 -10.01
CA GLU A 274 10.97 -11.36 -10.46
C GLU A 274 11.70 -10.45 -9.47
N GLY A 275 11.59 -10.79 -8.21
CA GLY A 275 12.37 -10.15 -7.17
C GLY A 275 11.55 -9.29 -6.24
N ALA A 276 12.26 -8.44 -5.49
CA ALA A 276 11.65 -7.67 -4.43
C ALA A 276 10.60 -6.71 -4.97
N GLY A 277 9.63 -6.41 -4.12
CA GLY A 277 8.58 -5.48 -4.49
C GLY A 277 7.61 -5.33 -3.35
N LEU A 278 6.60 -4.51 -3.60
CA LEU A 278 5.56 -4.26 -2.62
C LEU A 278 4.64 -5.47 -2.57
N GLN A 279 4.46 -6.03 -1.38
CA GLN A 279 3.63 -7.21 -1.23
C GLN A 279 2.18 -6.88 -0.94
N HIS A 280 1.91 -6.03 0.07
CA HIS A 280 0.52 -5.66 0.25
C HIS A 280 0.39 -4.23 0.75
N LEU A 281 -0.78 -3.67 0.44
CA LEU A 281 -1.24 -2.39 0.97
C LEU A 281 -2.33 -2.63 2.00
N ALA A 282 -2.17 -2.04 3.18
CA ALA A 282 -3.17 -2.13 4.24
C ALA A 282 -4.00 -0.87 4.23
N LEU A 283 -5.31 -1.03 4.07
CA LEU A 283 -6.23 0.09 3.92
C LEU A 283 -7.11 0.13 5.16
N MET A 284 -7.03 1.24 5.89
CA MET A 284 -7.85 1.38 7.07
C MET A 284 -9.28 1.72 6.71
N SER A 285 -10.23 1.02 7.33
CA SER A 285 -11.63 1.27 7.15
C SER A 285 -12.19 1.90 8.43
N GLU A 286 -13.06 2.90 8.25
CA GLU A 286 -13.81 3.45 9.37
C GLU A 286 -14.90 2.50 9.85
N ASP A 287 -15.19 1.45 9.10
CA ASP A 287 -16.21 0.45 9.47
C ASP A 287 -15.93 -0.82 8.66
N ILE A 288 -15.08 -1.69 9.21
CA ILE A 288 -14.61 -2.81 8.41
C ILE A 288 -15.76 -3.73 8.03
N PHE A 289 -16.80 -3.81 8.86
CA PHE A 289 -17.91 -4.69 8.52
C PHE A 289 -18.64 -4.20 7.27
N ARG A 290 -18.92 -2.90 7.21
CA ARG A 290 -19.53 -2.34 6.01
C ARG A 290 -18.61 -2.52 4.81
N THR A 291 -17.32 -2.23 4.98
CA THR A 291 -16.40 -2.41 3.87
C THR A 291 -16.42 -3.84 3.36
N LEU A 292 -16.34 -4.81 4.27
CA LEU A 292 -16.27 -6.20 3.82
C LEU A 292 -17.58 -6.68 3.24
N ARG A 293 -18.72 -6.18 3.74
CA ARG A 293 -19.99 -6.52 3.09
C ARG A 293 -20.02 -5.97 1.67
N GLU A 294 -19.64 -4.69 1.52
CA GLU A 294 -19.68 -4.06 0.21
C GLU A 294 -18.72 -4.72 -0.78
N MET A 295 -17.48 -5.04 -0.33
CA MET A 295 -16.52 -5.68 -1.23
C MET A 295 -16.90 -7.12 -1.56
N ARG A 296 -17.40 -7.87 -0.57
CA ARG A 296 -17.74 -9.27 -0.86
C ARG A 296 -18.92 -9.37 -1.80
N LYS A 297 -19.84 -8.41 -1.74
CA LYS A 297 -20.92 -8.38 -2.70
C LYS A 297 -20.42 -8.31 -4.14
N ARG A 298 -19.25 -7.70 -4.33
CA ARG A 298 -18.76 -7.42 -5.67
C ARG A 298 -17.66 -8.35 -6.12
N SER A 299 -17.30 -9.33 -5.30
CA SER A 299 -16.20 -10.25 -5.62
C SER A 299 -16.38 -10.89 -6.99
N SER A 300 -17.54 -11.47 -7.23
CA SER A 300 -17.75 -12.19 -8.48
C SER A 300 -18.34 -11.31 -9.59
N ILE A 301 -18.46 -10.00 -9.37
CA ILE A 301 -18.93 -9.08 -10.39
C ILE A 301 -17.93 -7.95 -10.60
N GLY A 302 -16.66 -8.32 -10.64
CA GLY A 302 -15.60 -7.44 -11.08
C GLY A 302 -14.74 -6.90 -9.96
N GLY A 303 -15.12 -7.14 -8.70
CA GLY A 303 -14.34 -6.61 -7.58
C GLY A 303 -13.26 -7.58 -7.14
N PHE A 304 -13.03 -7.70 -5.86
CA PHE A 304 -11.91 -8.48 -5.36
C PHE A 304 -12.40 -9.71 -4.62
N ASP A 305 -11.66 -10.81 -4.77
CA ASP A 305 -11.84 -12.01 -3.98
C ASP A 305 -11.07 -11.90 -2.68
N PHE A 306 -11.51 -12.66 -1.69
CA PHE A 306 -10.86 -12.69 -0.39
C PHE A 306 -10.29 -14.07 -0.12
N MET A 307 -9.24 -14.11 0.68
CA MET A 307 -8.60 -15.37 1.08
C MET A 307 -9.65 -16.27 1.72
N PRO A 308 -9.45 -17.59 1.74
CA PRO A 308 -10.41 -18.47 2.40
C PRO A 308 -10.59 -18.09 3.85
N SER A 309 -11.84 -18.14 4.32
CA SER A 309 -12.14 -17.77 5.70
C SER A 309 -11.45 -18.73 6.66
N PRO A 310 -11.18 -18.30 7.90
CA PRO A 310 -10.70 -19.24 8.89
C PRO A 310 -11.83 -20.13 9.37
N PRO A 311 -11.53 -21.36 9.78
CA PRO A 311 -12.61 -22.30 10.12
C PRO A 311 -13.34 -21.84 11.38
N PRO A 312 -14.60 -22.25 11.55
CA PRO A 312 -15.40 -21.73 12.68
C PRO A 312 -14.76 -21.97 14.05
N THR A 313 -13.89 -22.97 14.17
CA THR A 313 -13.07 -23.10 15.37
C THR A 313 -12.46 -21.76 15.77
N TYR A 314 -11.91 -21.05 14.78
CA TYR A 314 -11.22 -19.78 15.04
C TYR A 314 -12.15 -18.78 15.70
N TYR A 315 -13.41 -18.71 15.25
CA TYR A 315 -14.32 -17.72 15.78
C TYR A 315 -14.88 -18.11 17.14
N GLN A 316 -14.98 -19.42 17.41
CA GLN A 316 -15.30 -19.87 18.76
C GLN A 316 -14.23 -19.44 19.75
N ASN A 317 -12.95 -19.64 19.39
CA ASN A 317 -11.83 -19.23 20.24
C ASN A 317 -11.67 -17.72 20.30
N LEU A 318 -12.48 -16.97 19.56
CA LEU A 318 -12.37 -15.50 19.59
C LEU A 318 -12.92 -14.93 20.90
N LYS A 319 -13.94 -15.56 21.48
CA LYS A 319 -14.53 -15.05 22.71
C LYS A 319 -13.48 -14.99 23.83
N LYS A 320 -12.71 -16.06 23.98
CA LYS A 320 -11.69 -16.14 25.03
C LYS A 320 -10.55 -15.14 24.83
N ARG A 321 -10.46 -14.51 23.65
CA ARG A 321 -9.36 -13.60 23.34
C ARG A 321 -9.80 -12.15 23.18
N VAL A 322 -10.99 -11.88 22.64
CA VAL A 322 -11.41 -10.50 22.40
C VAL A 322 -12.88 -10.28 22.73
N GLY A 323 -13.53 -11.28 23.35
CA GLY A 323 -14.85 -11.04 23.93
C GLY A 323 -14.90 -9.83 24.85
N ASP A 324 -13.75 -9.37 25.33
CA ASP A 324 -13.62 -8.10 26.00
C ASP A 324 -13.96 -6.93 25.08
N VAL A 325 -13.53 -7.02 23.81
CA VAL A 325 -13.54 -5.85 22.94
C VAL A 325 -14.73 -5.89 22.00
N LEU A 326 -15.17 -7.08 21.63
CA LEU A 326 -16.25 -7.25 20.66
C LEU A 326 -17.39 -8.06 21.28
N SER A 327 -18.61 -7.65 20.97
CA SER A 327 -19.78 -8.42 21.39
C SER A 327 -19.81 -9.76 20.65
N ASP A 328 -20.61 -10.68 21.19
CA ASP A 328 -20.84 -11.92 20.46
C ASP A 328 -21.55 -11.66 19.13
N ASP A 329 -22.41 -10.64 19.08
CA ASP A 329 -23.03 -10.25 17.82
C ASP A 329 -21.99 -9.76 16.83
N GLN A 330 -20.98 -9.04 17.30
CA GLN A 330 -19.93 -8.55 16.42
C GLN A 330 -18.90 -9.64 16.10
N ILE A 331 -18.73 -10.61 17.00
CA ILE A 331 -17.82 -11.72 16.71
C ILE A 331 -18.42 -12.62 15.63
N LYS A 332 -19.73 -12.84 15.67
CA LYS A 332 -20.36 -13.64 14.62
C LYS A 332 -20.39 -12.86 13.30
N GLU A 333 -20.46 -11.53 13.37
CA GLU A 333 -20.36 -10.70 12.17
C GLU A 333 -18.97 -10.82 11.54
N CYS A 334 -17.93 -10.96 12.36
CA CYS A 334 -16.60 -11.28 11.82
C CYS A 334 -16.63 -12.61 11.09
N GLU A 335 -17.29 -13.62 11.66
CA GLU A 335 -17.23 -14.96 11.10
C GLU A 335 -17.94 -15.03 9.75
N GLU A 336 -19.04 -14.31 9.59
CA GLU A 336 -19.71 -14.36 8.28
C GLU A 336 -18.90 -13.64 7.22
N LEU A 337 -18.16 -12.61 7.59
CA LEU A 337 -17.30 -11.88 6.65
C LEU A 337 -15.90 -12.47 6.55
N GLY A 338 -15.54 -13.43 7.40
CA GLY A 338 -14.22 -14.00 7.36
C GLY A 338 -13.13 -13.11 7.92
N ILE A 339 -13.48 -12.15 8.78
CA ILE A 339 -12.51 -11.24 9.35
C ILE A 339 -11.62 -11.96 10.35
N LEU A 340 -10.34 -11.58 10.38
CA LEU A 340 -9.43 -12.05 11.40
C LEU A 340 -9.31 -10.99 12.49
N VAL A 341 -8.99 -11.43 13.71
CA VAL A 341 -8.86 -10.52 14.84
C VAL A 341 -7.56 -10.83 15.58
N ASP A 342 -6.80 -9.78 15.88
CA ASP A 342 -5.63 -9.90 16.75
C ASP A 342 -5.64 -8.74 17.73
N ARG A 343 -4.84 -8.89 18.79
CA ARG A 343 -4.76 -7.88 19.83
C ARG A 343 -3.35 -7.78 20.37
N ASP A 344 -2.85 -6.55 20.49
CA ASP A 344 -1.60 -6.24 21.17
C ASP A 344 -1.81 -6.17 22.68
N ASP A 345 -0.88 -5.52 23.37
CA ASP A 345 -1.07 -5.13 24.76
C ASP A 345 -1.75 -3.76 24.88
N GLN A 346 -2.16 -3.17 23.76
CA GLN A 346 -2.67 -1.81 23.69
C GLN A 346 -3.95 -1.66 22.89
N GLY A 347 -4.15 -2.45 21.83
CA GLY A 347 -5.32 -2.29 20.99
C GLY A 347 -5.66 -3.60 20.31
N THR A 348 -6.76 -3.58 19.57
CA THR A 348 -7.25 -4.73 18.85
C THR A 348 -7.21 -4.44 17.35
N LEU A 349 -6.91 -5.46 16.55
CA LEU A 349 -6.80 -5.31 15.11
C LEU A 349 -7.80 -6.22 14.43
N LEU A 350 -8.66 -5.65 13.59
CA LEU A 350 -9.55 -6.40 12.71
C LEU A 350 -8.93 -6.39 11.31
N GLN A 351 -8.75 -7.56 10.70
CA GLN A 351 -8.08 -7.60 9.40
C GLN A 351 -8.62 -8.71 8.50
N ILE A 352 -8.44 -8.50 7.20
CA ILE A 352 -8.73 -9.53 6.21
C ILE A 352 -7.90 -9.21 4.97
N PHE A 353 -7.60 -10.25 4.20
CA PHE A 353 -6.73 -10.15 3.03
C PHE A 353 -7.48 -10.54 1.76
N THR A 354 -7.29 -9.77 0.71
CA THR A 354 -7.77 -10.17 -0.60
C THR A 354 -6.84 -11.21 -1.21
N LYS A 355 -7.39 -11.95 -2.17
CA LYS A 355 -6.55 -12.69 -3.09
C LYS A 355 -5.71 -11.72 -3.93
N PRO A 356 -4.66 -12.20 -4.59
CA PRO A 356 -3.83 -11.30 -5.37
C PRO A 356 -4.66 -10.41 -6.28
N LEU A 357 -4.18 -9.19 -6.49
CA LEU A 357 -4.90 -8.16 -7.21
C LEU A 357 -4.88 -8.37 -8.71
N GLY A 358 -3.90 -9.06 -9.25
CA GLY A 358 -3.81 -9.29 -10.66
C GLY A 358 -3.48 -10.74 -10.96
N ASP A 359 -2.86 -10.95 -12.15
CA ASP A 359 -2.59 -12.30 -12.62
C ASP A 359 -1.60 -13.05 -11.73
N ARG A 360 -0.56 -12.34 -11.20
CA ARG A 360 0.48 -13.06 -10.50
C ARG A 360 0.21 -13.12 -9.01
N PRO A 361 0.69 -14.20 -8.30
CA PRO A 361 0.50 -14.30 -6.86
C PRO A 361 1.45 -13.40 -6.09
N THR A 362 1.30 -12.09 -6.31
CA THR A 362 2.26 -11.11 -5.82
C THR A 362 1.51 -10.15 -4.90
N ILE A 363 1.07 -9.01 -5.38
CA ILE A 363 0.49 -7.98 -4.52
C ILE A 363 -0.95 -8.34 -4.17
N PHE A 364 -1.33 -8.06 -2.92
CA PHE A 364 -2.71 -8.19 -2.47
C PHE A 364 -3.01 -7.00 -1.56
N ILE A 365 -4.28 -6.89 -1.17
CA ILE A 365 -4.69 -5.82 -0.26
C ILE A 365 -5.15 -6.44 1.06
N GLU A 366 -4.90 -5.70 2.14
CA GLU A 366 -5.42 -5.98 3.46
C GLU A 366 -6.37 -4.84 3.83
N ILE A 367 -7.54 -5.19 4.35
CA ILE A 367 -8.45 -4.21 4.91
C ILE A 367 -8.35 -4.33 6.43
N ILE A 368 -8.23 -3.20 7.10
CA ILE A 368 -8.06 -3.24 8.55
C ILE A 368 -8.90 -2.17 9.22
N GLN A 369 -9.16 -2.42 10.48
CA GLN A 369 -9.69 -1.41 11.39
C GLN A 369 -9.05 -1.66 12.74
N ARG A 370 -8.59 -0.59 13.36
CA ARG A 370 -7.91 -0.65 14.64
C ARG A 370 -8.80 -0.06 15.73
N VAL A 371 -8.85 -0.72 16.88
CA VAL A 371 -9.63 -0.21 18.01
C VAL A 371 -8.73 -0.15 19.23
N GLY A 372 -8.62 1.03 19.83
CA GLY A 372 -7.85 1.33 21.01
C GLY A 372 -6.91 2.49 20.79
N CYS A 373 -6.03 2.70 21.75
CA CYS A 373 -4.94 3.67 21.66
C CYS A 373 -5.42 5.06 21.28
N MET A 374 -6.47 5.52 21.97
CA MET A 374 -6.95 6.89 21.83
C MET A 374 -6.21 7.82 22.79
N MET A 375 -5.71 8.92 22.25
CA MET A 375 -4.99 9.92 23.03
C MET A 375 -5.69 11.26 22.87
N TYR A 383 -7.38 11.29 18.93
CA TYR A 383 -6.86 10.55 17.79
C TYR A 383 -6.34 9.18 18.20
N GLN A 384 -6.03 8.34 17.21
CA GLN A 384 -5.53 6.98 17.44
C GLN A 384 -4.06 6.93 17.08
N SER A 385 -3.25 6.33 17.96
CA SER A 385 -1.82 6.21 17.70
C SER A 385 -1.58 5.14 16.64
N GLY A 386 -0.50 5.31 15.89
CA GLY A 386 -0.23 4.43 14.77
C GLY A 386 0.18 3.04 15.21
N GLY A 387 -0.20 2.06 14.40
CA GLY A 387 0.13 0.68 14.69
C GLY A 387 -0.70 0.04 15.77
N CYS A 388 -1.73 0.72 16.26
CA CYS A 388 -2.54 0.24 17.36
C CYS A 388 -3.07 -1.17 17.10
N GLY A 389 -2.63 -2.12 17.92
CA GLY A 389 -3.01 -3.50 17.77
C GLY A 389 -2.01 -4.34 17.02
N GLY A 390 -0.96 -3.73 16.50
CA GLY A 390 0.06 -4.48 15.79
C GLY A 390 -0.33 -4.74 14.34
N PHE A 391 0.12 -5.88 13.82
CA PHE A 391 -0.09 -6.18 12.41
C PHE A 391 -0.66 -7.58 12.19
N GLY A 392 -1.11 -8.25 13.25
CA GLY A 392 -1.72 -9.55 13.11
C GLY A 392 -0.76 -10.71 13.26
N LYS A 393 0.43 -10.47 13.80
CA LYS A 393 1.45 -11.53 13.87
C LYS A 393 0.94 -12.74 14.65
N GLY A 394 0.16 -12.49 15.70
CA GLY A 394 -0.43 -13.58 16.47
C GLY A 394 -1.44 -14.42 15.72
N ASN A 395 -1.90 -13.95 14.55
CA ASN A 395 -2.86 -14.72 13.77
C ASN A 395 -2.22 -15.88 13.03
N PHE A 396 -0.90 -15.90 12.90
CA PHE A 396 -0.22 -17.12 12.42
C PHE A 396 -0.48 -18.28 13.37
N SER A 397 -0.05 -18.13 14.62
CA SER A 397 -0.21 -19.19 15.62
C SER A 397 -1.67 -19.58 15.78
N GLU A 398 -2.53 -18.58 16.01
CA GLU A 398 -3.95 -18.84 16.24
C GLU A 398 -4.59 -19.55 15.06
N LEU A 399 -4.10 -19.29 13.83
CA LEU A 399 -4.68 -19.94 12.67
C LEU A 399 -4.31 -21.42 12.60
N PHE A 400 -3.05 -21.76 12.88
CA PHE A 400 -2.69 -23.17 12.80
C PHE A 400 -3.29 -23.97 13.95
N LYS A 401 -3.36 -23.38 15.15
CA LYS A 401 -4.13 -23.99 16.23
C LYS A 401 -5.58 -24.17 15.79
N SER A 402 -6.13 -23.20 15.06
CA SER A 402 -7.50 -23.33 14.55
C SER A 402 -7.60 -24.48 13.56
N ILE A 403 -6.61 -24.62 12.68
CA ILE A 403 -6.61 -25.73 11.73
C ILE A 403 -6.67 -27.07 12.47
N GLU A 404 -5.97 -27.17 13.60
CA GLU A 404 -5.91 -28.42 14.34
C GLU A 404 -7.22 -28.72 15.06
N GLU A 405 -7.88 -27.69 15.61
CA GLU A 405 -9.12 -27.91 16.33
C GLU A 405 -10.28 -28.21 15.39
N TYR A 406 -10.32 -27.57 14.23
CA TYR A 406 -11.39 -27.85 13.28
C TYR A 406 -11.28 -29.26 12.73
N GLU A 407 -10.06 -29.74 12.48
CA GLU A 407 -9.88 -31.09 12.01
C GLU A 407 -10.39 -32.11 13.03
N LYS A 408 -10.22 -31.81 14.31
CA LYS A 408 -10.67 -32.69 15.38
C LYS A 408 -12.20 -32.75 15.43
CO CO B . -0.44 -6.09 7.06
C10 A1LWQ C . 1.12 -8.00 7.84
C01 A1LWQ C . 5.13 -8.46 11.35
C02 A1LWQ C . 4.46 -7.44 10.71
C03 A1LWQ C . 3.92 -7.62 9.45
C04 A1LWQ C . 4.09 -8.83 8.80
C05 A1LWQ C . 4.76 -9.87 9.43
C06 A1LWQ C . 5.27 -9.69 10.70
C08 A1LWQ C . 3.20 -6.43 8.78
C09 A1LWQ C . 1.86 -6.68 8.05
N07 A1LWQ C . 5.99 -10.78 11.34
O11 A1LWQ C . 1.37 -5.69 7.60
O12 A1LWQ C . -0.14 -8.05 7.61
O13 A1LWQ C . 1.72 -9.11 7.88
#